data_6ZXR
#
_entry.id   6ZXR
#
_cell.length_a   47.520
_cell.length_b   37.450
_cell.length_c   62.650
_cell.angle_alpha   90.000
_cell.angle_beta   95.110
_cell.angle_gamma   90.000
#
_symmetry.space_group_name_H-M   'P 1 21 1'
#
loop_
_entity.id
_entity.type
_entity.pdbx_description
1 polymer 'ER lumen protein-retaining receptor 2'
2 polymer ALA-GLU-ARG-ASP-GLU-LEU
3 water water
#
loop_
_entity_poly.entity_id
_entity_poly.type
_entity_poly.pdbx_seq_one_letter_code
_entity_poly.pdbx_strand_id
1 'polypeptide(L)'
;MNIFRLTGDLSHLAAIIILLLKIWKSRSCAGISGKSQLLFALVFTTRYLDLFTSFISLYNTSMKLIYIACSYATVYLIYM
KFKATYDGNHDTFRVEFLIVPVGGLSFLVNHDFSPLEILWTFSIYLESVAILPQLFMISKTGEAETITTHYLFFLGLYRA
LYLVNWIWRYYFEGFFDLIAVVAGVVQTVLYCDFFYLYVTKVLKGKKLSLPAGENLYFQ
;
A
2 'polypeptide(L)' AERDEL B
#
# COMPACT_ATOMS: atom_id res chain seq x y z
N MET A 1 -9.58 18.85 2.20
CA MET A 1 -9.66 18.00 0.99
C MET A 1 -9.30 18.82 -0.24
N ASN A 2 -8.52 18.22 -1.12
CA ASN A 2 -8.28 18.69 -2.51
C ASN A 2 -8.49 17.49 -3.44
N ILE A 3 -8.55 17.76 -4.73
CA ILE A 3 -8.95 16.78 -5.78
C ILE A 3 -7.81 15.76 -5.96
N PHE A 4 -6.58 16.13 -5.61
CA PHE A 4 -5.44 15.18 -5.67
C PHE A 4 -5.59 14.16 -4.55
N ARG A 5 -5.79 14.59 -3.32
CA ARG A 5 -5.93 13.63 -2.20
C ARG A 5 -7.12 12.69 -2.47
N LEU A 6 -8.26 13.23 -2.94
CA LEU A 6 -9.51 12.46 -3.12
C LEU A 6 -9.31 11.40 -4.21
N THR A 7 -8.79 11.79 -5.36
CA THR A 7 -8.45 10.89 -6.49
C THR A 7 -7.39 9.88 -6.01
N GLY A 8 -6.42 10.29 -5.20
CA GLY A 8 -5.45 9.35 -4.61
C GLY A 8 -6.16 8.29 -3.79
N ASP A 9 -7.03 8.73 -2.88
CA ASP A 9 -7.85 7.88 -1.98
C ASP A 9 -8.81 6.97 -2.78
N LEU A 10 -9.42 7.48 -3.87
CA LEU A 10 -10.28 6.66 -4.76
CA LEU A 10 -10.28 6.68 -4.79
C LEU A 10 -9.40 5.62 -5.46
N SER A 11 -8.23 6.03 -5.95
CA SER A 11 -7.24 5.12 -6.58
C SER A 11 -6.89 3.98 -5.61
N HIS A 12 -6.73 4.30 -4.33
CA HIS A 12 -6.29 3.35 -3.28
C HIS A 12 -7.43 2.34 -3.03
N LEU A 13 -8.66 2.83 -2.87
CA LEU A 13 -9.83 1.99 -2.62
C LEU A 13 -10.03 1.06 -3.81
N ALA A 14 -9.99 1.61 -5.02
CA ALA A 14 -10.08 0.83 -6.27
C ALA A 14 -9.10 -0.34 -6.21
N ALA A 15 -7.81 -0.04 -6.04
CA ALA A 15 -6.74 -1.05 -5.87
C ALA A 15 -7.22 -2.21 -4.96
N ILE A 16 -7.71 -1.88 -3.78
CA ILE A 16 -8.06 -2.83 -2.68
C ILE A 16 -9.24 -3.70 -3.11
N ILE A 17 -10.24 -3.11 -3.79
CA ILE A 17 -11.46 -3.82 -4.26
C ILE A 17 -11.08 -4.78 -5.40
N ILE A 18 -10.41 -4.26 -6.42
CA ILE A 18 -9.86 -5.07 -7.53
C ILE A 18 -9.19 -6.33 -6.95
N LEU A 19 -8.18 -6.20 -6.08
CA LEU A 19 -7.49 -7.38 -5.48
C LEU A 19 -8.50 -8.27 -4.72
N LEU A 20 -9.39 -7.69 -3.91
CA LEU A 20 -10.38 -8.50 -3.15
C LEU A 20 -11.29 -9.31 -4.08
N LEU A 21 -11.95 -8.68 -5.07
CA LEU A 21 -12.86 -9.34 -6.04
C LEU A 21 -12.11 -10.31 -6.96
N LYS A 22 -10.92 -9.96 -7.45
CA LYS A 22 -10.10 -10.94 -8.19
C LYS A 22 -10.05 -12.24 -7.35
N ILE A 23 -9.68 -12.18 -6.07
CA ILE A 23 -9.52 -13.41 -5.25
C ILE A 23 -10.90 -14.05 -5.00
N TRP A 24 -11.89 -13.25 -4.63
CA TRP A 24 -13.27 -13.73 -4.34
C TRP A 24 -13.83 -14.56 -5.52
N LYS A 25 -14.01 -13.95 -6.70
CA LYS A 25 -14.64 -14.53 -7.93
C LYS A 25 -13.85 -15.73 -8.49
N SER A 26 -12.52 -15.64 -8.63
CA SER A 26 -11.64 -16.72 -9.16
C SER A 26 -11.39 -17.81 -8.10
N ARG A 27 -11.79 -17.59 -6.84
CA ARG A 27 -11.58 -18.50 -5.67
C ARG A 27 -10.11 -18.97 -5.61
N SER A 28 -9.17 -18.11 -6.00
CA SER A 28 -7.71 -18.40 -5.95
C SER A 28 -6.93 -17.13 -5.65
N CYS A 29 -5.83 -17.28 -4.94
CA CYS A 29 -4.86 -16.19 -4.67
C CYS A 29 -3.51 -16.53 -5.35
N ALA A 30 -3.53 -17.31 -6.44
CA ALA A 30 -2.41 -17.54 -7.39
C ALA A 30 -1.75 -16.21 -7.80
N GLY A 31 -0.46 -16.05 -7.53
CA GLY A 31 0.37 -14.90 -7.94
C GLY A 31 0.35 -13.75 -6.94
N ILE A 32 -0.34 -13.90 -5.80
CA ILE A 32 -0.51 -12.87 -4.72
C ILE A 32 0.44 -13.21 -3.57
N SER A 33 1.26 -12.22 -3.19
CA SER A 33 2.10 -12.22 -1.99
C SER A 33 1.18 -11.97 -0.78
N GLY A 34 0.93 -13.00 0.00
CA GLY A 34 0.29 -12.86 1.31
C GLY A 34 1.06 -11.86 2.14
N LYS A 35 2.39 -11.90 2.06
CA LYS A 35 3.27 -11.12 2.95
C LYS A 35 3.03 -9.62 2.77
N SER A 36 2.95 -9.13 1.54
CA SER A 36 2.60 -7.72 1.23
CA SER A 36 2.61 -7.80 1.17
C SER A 36 1.26 -7.38 1.88
N GLN A 37 0.28 -8.30 1.82
CA GLN A 37 -1.07 -8.05 2.37
C GLN A 37 -1.01 -7.94 3.89
N LEU A 38 -0.13 -8.72 4.54
CA LEU A 38 0.09 -8.63 6.00
C LEU A 38 0.62 -7.23 6.34
N LEU A 39 1.62 -6.76 5.59
CA LEU A 39 2.25 -5.44 5.77
C LEU A 39 1.21 -4.32 5.59
N PHE A 40 0.37 -4.34 4.54
CA PHE A 40 -0.69 -3.31 4.35
C PHE A 40 -1.64 -3.34 5.55
N ALA A 41 -2.01 -4.52 6.00
CA ALA A 41 -2.92 -4.70 7.16
C ALA A 41 -2.25 -4.09 8.41
N LEU A 42 -0.96 -4.35 8.59
CA LEU A 42 -0.19 -3.77 9.71
C LEU A 42 -0.05 -2.25 9.54
N VAL A 43 0.22 -1.76 8.34
CA VAL A 43 0.17 -0.28 8.04
C VAL A 43 -1.17 0.34 8.52
N PHE A 44 -2.32 -0.24 8.21
CA PHE A 44 -3.62 0.41 8.54
C PHE A 44 -3.87 0.33 10.06
N THR A 45 -3.46 -0.76 10.67
CA THR A 45 -3.67 -1.03 12.11
C THR A 45 -2.88 -0.01 12.94
N THR A 46 -1.64 0.30 12.58
CA THR A 46 -0.78 1.28 13.32
C THR A 46 -1.16 2.71 12.93
N ARG A 47 -1.60 2.95 11.69
CA ARG A 47 -1.90 4.34 11.24
C ARG A 47 -3.22 4.81 11.84
N TYR A 48 -4.22 3.94 11.95
CA TYR A 48 -5.63 4.37 12.21
C TYR A 48 -6.02 4.19 13.67
N LEU A 49 -5.06 4.10 14.59
CA LEU A 49 -5.34 4.05 16.05
C LEU A 49 -5.99 5.37 16.52
N ASP A 50 -5.83 6.46 15.75
CA ASP A 50 -6.48 7.77 15.96
C ASP A 50 -7.99 7.76 15.65
N LEU A 51 -8.58 6.65 15.21
CA LEU A 51 -10.06 6.46 15.24
C LEU A 51 -10.56 6.65 16.68
N PHE A 52 -9.77 6.24 17.68
CA PHE A 52 -10.13 6.26 19.11
C PHE A 52 -9.97 7.65 19.77
N THR A 53 -9.26 8.59 19.14
CA THR A 53 -8.90 9.92 19.71
C THR A 53 -9.46 11.06 18.86
N SER A 54 -9.65 10.89 17.55
CA SER A 54 -9.99 12.00 16.61
C SER A 54 -11.14 11.64 15.71
N PHE A 55 -12.10 12.54 15.60
CA PHE A 55 -13.09 12.57 14.51
C PHE A 55 -12.75 13.72 13.58
N ILE A 56 -12.19 13.43 12.40
CA ILE A 56 -11.92 14.43 11.33
C ILE A 56 -13.22 14.68 10.57
N SER A 57 -13.78 13.63 9.98
CA SER A 57 -15.02 13.64 9.17
C SER A 57 -15.56 12.22 9.09
N LEU A 58 -16.80 12.08 8.58
CA LEU A 58 -17.48 10.77 8.38
C LEU A 58 -16.80 10.00 7.25
N TYR A 59 -16.45 10.71 6.17
CA TYR A 59 -15.61 10.20 5.06
C TYR A 59 -14.34 9.56 5.66
N ASN A 60 -13.58 10.33 6.44
CA ASN A 60 -12.28 9.94 7.04
C ASN A 60 -12.45 8.68 7.93
N THR A 61 -13.43 8.68 8.83
CA THR A 61 -13.74 7.50 9.69
C THR A 61 -14.10 6.32 8.77
N SER A 62 -15.05 6.51 7.87
CA SER A 62 -15.55 5.47 6.93
C SER A 62 -14.40 4.78 6.21
N MET A 63 -13.56 5.54 5.50
CA MET A 63 -12.46 4.97 4.69
C MET A 63 -11.51 4.18 5.62
N LYS A 64 -11.25 4.66 6.82
CA LYS A 64 -10.26 4.01 7.71
C LYS A 64 -10.79 2.61 8.00
N LEU A 65 -12.09 2.53 8.26
CA LEU A 65 -12.79 1.26 8.60
C LEU A 65 -12.87 0.38 7.35
N ILE A 66 -13.13 0.97 6.19
CA ILE A 66 -13.23 0.20 4.92
C ILE A 66 -11.85 -0.41 4.64
N TYR A 67 -10.80 0.40 4.71
CA TYR A 67 -9.39 0.00 4.47
C TYR A 67 -8.99 -1.12 5.45
N ILE A 68 -9.28 -0.95 6.73
CA ILE A 68 -8.96 -1.95 7.78
C ILE A 68 -9.72 -3.24 7.43
N ALA A 69 -11.00 -3.14 7.03
CA ALA A 69 -11.87 -4.31 6.84
C ALA A 69 -11.33 -5.13 5.66
N CYS A 70 -11.11 -4.45 4.54
CA CYS A 70 -10.68 -5.07 3.27
C CYS A 70 -9.26 -5.62 3.39
N SER A 71 -8.40 -4.97 4.15
CA SER A 71 -7.01 -5.45 4.35
C SER A 71 -7.05 -6.77 5.12
N TYR A 72 -7.80 -6.83 6.20
CA TYR A 72 -7.92 -8.06 7.03
C TYR A 72 -8.66 -9.13 6.23
N ALA A 73 -9.66 -8.73 5.43
CA ALA A 73 -10.45 -9.65 4.58
C ALA A 73 -9.53 -10.32 3.55
N THR A 74 -8.69 -9.57 2.86
CA THR A 74 -7.71 -10.08 1.87
C THR A 74 -6.75 -11.06 2.54
N VAL A 75 -6.23 -10.73 3.72
CA VAL A 75 -5.32 -11.67 4.44
C VAL A 75 -6.09 -12.94 4.77
N TYR A 76 -7.38 -12.84 5.10
CA TYR A 76 -8.22 -14.01 5.46
C TYR A 76 -8.36 -14.94 4.24
N LEU A 77 -8.60 -14.37 3.05
CA LEU A 77 -8.84 -15.14 1.80
C LEU A 77 -7.54 -15.86 1.45
N ILE A 78 -6.43 -15.17 1.61
CA ILE A 78 -5.10 -15.70 1.20
C ILE A 78 -4.72 -16.84 2.15
N TYR A 79 -4.77 -16.62 3.46
CA TYR A 79 -4.14 -17.56 4.44
C TYR A 79 -5.12 -18.56 5.05
N MET A 80 -6.42 -18.41 4.82
CA MET A 80 -7.41 -19.37 5.38
C MET A 80 -8.30 -19.92 4.25
N LYS A 81 -9.24 -19.12 3.74
CA LYS A 81 -10.27 -19.60 2.78
C LYS A 81 -9.60 -20.21 1.55
N PHE A 82 -8.73 -19.48 0.85
CA PHE A 82 -8.14 -19.95 -0.42
C PHE A 82 -6.65 -20.25 -0.24
N LYS A 83 -6.25 -20.76 0.93
CA LYS A 83 -4.83 -21.12 1.26
C LYS A 83 -4.34 -22.21 0.31
N ALA A 84 -5.26 -23.04 -0.19
CA ALA A 84 -4.96 -24.12 -1.15
C ALA A 84 -4.23 -23.54 -2.37
N THR A 85 -4.57 -22.33 -2.82
CA THR A 85 -3.94 -21.70 -4.01
C THR A 85 -2.89 -20.66 -3.60
N TYR A 86 -2.54 -20.57 -2.31
CA TYR A 86 -1.49 -19.62 -1.86
C TYR A 86 -0.14 -20.23 -2.23
N ASP A 87 0.61 -19.55 -3.10
CA ASP A 87 1.94 -19.93 -3.59
C ASP A 87 2.98 -19.48 -2.55
N GLY A 88 3.04 -20.18 -1.41
CA GLY A 88 3.98 -19.92 -0.30
C GLY A 88 5.43 -20.08 -0.72
N ASN A 89 5.69 -20.93 -1.71
CA ASN A 89 7.05 -21.27 -2.18
C ASN A 89 7.68 -20.11 -2.95
N HIS A 90 6.90 -19.21 -3.57
CA HIS A 90 7.42 -18.11 -4.42
C HIS A 90 7.30 -16.75 -3.71
N ASP A 91 6.62 -16.71 -2.56
CA ASP A 91 6.37 -15.50 -1.75
C ASP A 91 7.39 -15.52 -0.62
N THR A 92 8.68 -15.52 -0.99
CA THR A 92 9.82 -15.90 -0.10
C THR A 92 10.52 -14.65 0.42
N PHE A 93 10.03 -13.44 0.10
CA PHE A 93 10.66 -12.20 0.61
C PHE A 93 10.74 -12.28 2.13
N ARG A 94 11.92 -12.00 2.68
CA ARG A 94 12.16 -12.02 4.14
C ARG A 94 11.71 -10.68 4.69
N VAL A 95 10.50 -10.64 5.27
CA VAL A 95 9.78 -9.41 5.69
C VAL A 95 10.42 -8.82 6.95
N GLU A 96 11.16 -9.64 7.73
CA GLU A 96 11.94 -9.25 8.94
C GLU A 96 12.94 -8.14 8.60
N PHE A 97 13.44 -8.11 7.37
CA PHE A 97 14.39 -7.08 6.85
C PHE A 97 13.69 -5.76 6.57
N LEU A 98 12.36 -5.75 6.49
CA LEU A 98 11.58 -4.49 6.42
C LEU A 98 11.18 -4.09 7.84
N ILE A 99 10.66 -5.03 8.61
CA ILE A 99 9.89 -4.75 9.85
C ILE A 99 10.84 -4.21 10.92
N VAL A 100 11.98 -4.87 11.14
CA VAL A 100 12.90 -4.55 12.27
C VAL A 100 13.52 -3.17 12.01
N PRO A 101 14.26 -2.95 10.89
CA PRO A 101 14.69 -1.59 10.51
C PRO A 101 13.60 -0.51 10.57
N VAL A 102 12.42 -0.74 9.97
CA VAL A 102 11.32 0.28 9.99
C VAL A 102 10.90 0.53 11.43
N GLY A 103 10.67 -0.51 12.22
CA GLY A 103 10.39 -0.38 13.66
C GLY A 103 11.47 0.48 14.34
N GLY A 104 12.73 0.11 14.13
CA GLY A 104 13.88 0.85 14.71
C GLY A 104 13.87 2.30 14.30
N LEU A 105 13.73 2.57 13.01
CA LEU A 105 13.70 3.95 12.47
C LEU A 105 12.50 4.74 13.00
N SER A 106 11.33 4.10 13.11
CA SER A 106 10.11 4.80 13.60
C SER A 106 10.35 5.29 15.05
N PHE A 107 11.10 4.52 15.83
CA PHE A 107 11.42 4.87 17.24
C PHE A 107 12.43 6.03 17.24
N LEU A 108 13.43 6.05 16.35
CA LEU A 108 14.54 7.06 16.38
C LEU A 108 14.22 8.29 15.52
N VAL A 109 13.38 8.19 14.50
CA VAL A 109 13.15 9.33 13.58
C VAL A 109 11.64 9.56 13.45
N ASN A 110 11.14 10.54 14.20
CA ASN A 110 9.71 10.82 14.43
C ASN A 110 9.54 12.31 14.73
N HIS A 111 8.31 12.83 14.67
CA HIS A 111 7.97 14.22 15.07
C HIS A 111 7.84 14.32 16.59
N ASP A 112 7.71 13.18 17.29
CA ASP A 112 7.36 13.14 18.72
C ASP A 112 7.56 11.73 19.27
N PHE A 113 8.14 11.61 20.46
CA PHE A 113 8.37 10.32 21.18
C PHE A 113 7.18 10.01 22.07
N SER A 114 6.05 9.65 21.45
CA SER A 114 4.85 9.10 22.13
C SER A 114 4.42 7.86 21.37
N PRO A 115 3.71 6.91 22.02
CA PRO A 115 3.38 5.63 21.39
C PRO A 115 2.52 5.79 20.13
N LEU A 116 1.55 6.68 20.14
CA LEU A 116 0.67 6.86 18.94
C LEU A 116 1.49 7.43 17.79
N GLU A 117 2.36 8.41 18.05
CA GLU A 117 3.15 9.08 16.97
C GLU A 117 4.17 8.10 16.38
N ILE A 118 4.88 7.35 17.22
CA ILE A 118 5.83 6.28 16.81
C ILE A 118 5.12 5.27 15.91
N LEU A 119 3.94 4.77 16.32
CA LEU A 119 3.17 3.76 15.53
C LEU A 119 2.69 4.39 14.20
N TRP A 120 2.26 5.64 14.20
CA TRP A 120 1.96 6.35 12.94
C TRP A 120 3.19 6.32 12.03
N THR A 121 4.34 6.72 12.58
CA THR A 121 5.62 6.84 11.83
C THR A 121 5.97 5.48 11.25
N PHE A 122 5.81 4.44 12.07
CA PHE A 122 5.96 3.04 11.66
C PHE A 122 5.03 2.76 10.47
N SER A 123 3.75 3.09 10.57
CA SER A 123 2.78 2.88 9.46
C SER A 123 3.33 3.54 8.19
N ILE A 124 3.87 4.73 8.29
CA ILE A 124 4.34 5.53 7.12
C ILE A 124 5.61 4.93 6.48
N TYR A 125 6.59 4.50 7.30
CA TYR A 125 7.84 3.86 6.86
C TYR A 125 7.50 2.50 6.25
N LEU A 126 6.63 1.75 6.91
CA LEU A 126 6.29 0.39 6.44
C LEU A 126 5.55 0.46 5.09
N GLU A 127 4.61 1.38 4.91
CA GLU A 127 3.80 1.46 3.65
C GLU A 127 4.74 1.72 2.47
N SER A 128 5.82 2.47 2.69
CA SER A 128 6.81 2.84 1.63
C SER A 128 7.47 1.58 1.04
N VAL A 129 7.59 0.51 1.82
CA VAL A 129 8.25 -0.75 1.38
C VAL A 129 7.28 -1.94 1.35
N ALA A 130 5.98 -1.73 1.63
CA ALA A 130 4.98 -2.82 1.79
C ALA A 130 4.83 -3.66 0.53
N ILE A 131 5.08 -3.12 -0.67
CA ILE A 131 4.77 -3.81 -1.95
C ILE A 131 5.95 -4.66 -2.39
N LEU A 132 7.13 -4.50 -1.78
CA LEU A 132 8.35 -5.24 -2.22
C LEU A 132 8.11 -6.75 -2.30
N PRO A 133 7.49 -7.44 -1.30
CA PRO A 133 7.21 -8.87 -1.42
C PRO A 133 6.41 -9.22 -2.68
N GLN A 134 5.38 -8.43 -3.01
CA GLN A 134 4.58 -8.62 -4.25
C GLN A 134 5.46 -8.50 -5.49
N LEU A 135 6.31 -7.46 -5.56
CA LEU A 135 7.13 -7.19 -6.77
C LEU A 135 8.20 -8.28 -6.90
N PHE A 136 8.79 -8.71 -5.79
CA PHE A 136 9.81 -9.79 -5.73
C PHE A 136 9.23 -11.11 -6.22
N MET A 137 7.99 -11.43 -5.82
CA MET A 137 7.31 -12.69 -6.18
C MET A 137 7.07 -12.70 -7.69
N ILE A 138 6.71 -11.56 -8.26
CA ILE A 138 6.51 -11.42 -9.73
C ILE A 138 7.87 -11.56 -10.44
N SER A 139 8.89 -10.83 -10.02
CA SER A 139 10.28 -11.03 -10.53
C SER A 139 10.62 -12.53 -10.53
N LYS A 140 10.38 -13.24 -9.42
CA LYS A 140 10.72 -14.69 -9.30
C LYS A 140 9.86 -15.49 -10.29
N THR A 141 8.55 -15.61 -10.04
CA THR A 141 7.61 -16.36 -10.90
C THR A 141 7.54 -15.71 -12.29
N GLY A 142 6.96 -16.40 -13.25
CA GLY A 142 6.68 -15.79 -14.55
C GLY A 142 5.56 -14.77 -14.42
N GLU A 143 5.88 -13.49 -14.48
CA GLU A 143 4.91 -12.45 -14.88
C GLU A 143 3.76 -12.35 -13.87
N ALA A 144 2.72 -11.57 -14.20
CA ALA A 144 1.49 -11.31 -13.43
C ALA A 144 0.30 -11.29 -14.36
N GLU A 145 -0.84 -11.84 -13.92
CA GLU A 145 -2.12 -11.69 -14.64
C GLU A 145 -2.36 -10.20 -14.90
N THR A 146 -3.16 -9.86 -15.90
CA THR A 146 -3.50 -8.45 -16.28
C THR A 146 -4.15 -7.75 -15.08
N ILE A 147 -5.08 -8.43 -14.43
CA ILE A 147 -5.86 -7.86 -13.31
C ILE A 147 -4.89 -7.48 -12.16
N THR A 148 -3.81 -8.26 -11.92
CA THR A 148 -2.79 -7.96 -10.88
C THR A 148 -2.04 -6.67 -11.23
N THR A 149 -1.61 -6.52 -12.49
CA THR A 149 -0.95 -5.28 -12.95
C THR A 149 -1.87 -4.06 -12.75
N HIS A 150 -3.20 -4.21 -12.87
CA HIS A 150 -4.15 -3.09 -12.68
C HIS A 150 -4.19 -2.72 -11.18
N TYR A 151 -4.20 -3.72 -10.29
CA TYR A 151 -4.07 -3.51 -8.83
C TYR A 151 -2.79 -2.69 -8.60
N LEU A 152 -1.64 -3.18 -9.06
CA LEU A 152 -0.34 -2.49 -8.84
C LEU A 152 -0.38 -1.08 -9.46
N PHE A 153 -0.90 -0.89 -10.66
CA PHE A 153 -1.06 0.47 -11.22
C PHE A 153 -1.78 1.42 -10.24
N PHE A 154 -2.99 1.06 -9.79
CA PHE A 154 -3.85 1.97 -9.01
C PHE A 154 -3.24 2.17 -7.60
N LEU A 155 -2.63 1.13 -7.03
CA LEU A 155 -1.92 1.26 -5.72
C LEU A 155 -0.75 2.24 -5.89
N GLY A 156 0.06 2.03 -6.93
CA GLY A 156 1.19 2.91 -7.25
C GLY A 156 0.71 4.33 -7.46
N LEU A 157 -0.39 4.51 -8.19
CA LEU A 157 -0.91 5.85 -8.59
C LEU A 157 -1.37 6.59 -7.33
N TYR A 158 -1.86 5.85 -6.33
CA TYR A 158 -2.49 6.45 -5.12
C TYR A 158 -1.49 7.37 -4.41
N ARG A 159 -0.27 6.89 -4.13
CA ARG A 159 0.68 7.66 -3.30
C ARG A 159 1.42 8.68 -4.19
N ALA A 160 1.52 8.43 -5.49
CA ALA A 160 1.98 9.43 -6.49
C ALA A 160 1.05 10.65 -6.43
N LEU A 161 -0.27 10.46 -6.29
CA LEU A 161 -1.26 11.58 -6.23
C LEU A 161 -1.16 12.31 -4.89
N TYR A 162 -0.77 11.58 -3.84
CA TYR A 162 -0.52 12.16 -2.50
C TYR A 162 0.66 13.16 -2.59
N LEU A 163 1.70 12.85 -3.36
CA LEU A 163 2.84 13.78 -3.57
C LEU A 163 2.27 15.09 -4.13
N VAL A 164 1.44 15.01 -5.16
CA VAL A 164 0.83 16.23 -5.76
C VAL A 164 -0.02 16.93 -4.70
N ASN A 165 -0.84 16.17 -3.99
CA ASN A 165 -1.62 16.69 -2.84
C ASN A 165 -0.70 17.53 -1.93
N TRP A 166 0.50 17.02 -1.61
CA TRP A 166 1.46 17.66 -0.66
C TRP A 166 2.02 18.93 -1.26
N ILE A 167 2.26 18.96 -2.56
CA ILE A 167 2.64 20.22 -3.28
C ILE A 167 1.50 21.23 -3.12
N TRP A 168 0.28 20.83 -3.45
CA TRP A 168 -0.92 21.69 -3.31
C TRP A 168 -1.01 22.23 -1.88
N ARG A 169 -0.90 21.36 -0.87
CA ARG A 169 -1.12 21.74 0.55
C ARG A 169 -0.02 22.66 1.07
N TYR A 170 1.20 22.52 0.57
CA TYR A 170 2.35 23.38 0.94
C TYR A 170 2.11 24.80 0.41
N TYR A 171 1.81 24.89 -0.88
CA TYR A 171 1.53 26.16 -1.58
C TYR A 171 0.35 26.86 -0.92
N PHE A 172 -0.74 26.12 -0.62
CA PHE A 172 -2.04 26.74 -0.29
C PHE A 172 -2.24 26.88 1.22
N GLU A 173 -1.90 25.87 2.03
CA GLU A 173 -2.20 25.88 3.49
C GLU A 173 -0.92 26.01 4.32
N GLY A 174 0.27 26.05 3.69
CA GLY A 174 1.59 26.05 4.37
C GLY A 174 1.83 24.78 5.16
N PHE A 175 1.11 23.68 4.87
CA PHE A 175 1.28 22.36 5.52
C PHE A 175 2.42 21.62 4.81
N PHE A 176 3.36 21.06 5.58
CA PHE A 176 4.39 20.12 5.09
C PHE A 176 4.74 19.14 6.21
N ASP A 177 4.88 17.86 5.86
CA ASP A 177 5.38 16.79 6.75
C ASP A 177 6.45 15.98 6.00
N LEU A 178 7.73 16.29 6.23
CA LEU A 178 8.91 15.68 5.53
C LEU A 178 9.00 14.17 5.77
N ILE A 179 8.48 13.64 6.88
CA ILE A 179 8.50 12.16 7.10
C ILE A 179 7.53 11.55 6.07
N ALA A 180 6.31 12.07 5.95
CA ALA A 180 5.32 11.54 4.97
C ALA A 180 5.84 11.77 3.55
N VAL A 181 6.43 12.93 3.26
CA VAL A 181 6.87 13.27 1.88
C VAL A 181 7.98 12.31 1.46
N VAL A 182 9.01 12.16 2.29
CA VAL A 182 10.21 11.33 1.94
C VAL A 182 9.75 9.87 1.74
N ALA A 183 9.04 9.33 2.71
CA ALA A 183 8.47 7.96 2.62
C ALA A 183 7.62 7.87 1.36
N GLY A 184 6.78 8.88 1.08
CA GLY A 184 5.93 8.92 -0.14
C GLY A 184 6.75 8.84 -1.42
N VAL A 185 7.89 9.54 -1.44
CA VAL A 185 8.82 9.55 -2.61
C VAL A 185 9.48 8.16 -2.75
N VAL A 186 9.91 7.56 -1.63
CA VAL A 186 10.43 6.16 -1.63
C VAL A 186 9.30 5.25 -2.13
N GLN A 187 8.13 5.27 -1.50
CA GLN A 187 6.97 4.45 -1.92
C GLN A 187 6.81 4.55 -3.44
N THR A 188 6.80 5.76 -4.00
CA THR A 188 6.48 5.97 -5.43
C THR A 188 7.68 5.56 -6.29
N VAL A 189 8.90 5.89 -5.91
CA VAL A 189 10.06 5.55 -6.79
C VAL A 189 10.16 4.01 -6.92
N LEU A 190 9.68 3.25 -5.94
CA LEU A 190 9.76 1.75 -6.00
C LEU A 190 8.82 1.19 -7.09
N TYR A 191 7.91 2.00 -7.62
CA TYR A 191 6.95 1.61 -8.69
C TYR A 191 7.46 2.01 -10.10
N CYS A 192 8.69 2.50 -10.26
CA CYS A 192 9.18 3.10 -11.54
C CYS A 192 9.35 2.02 -12.60
N ASP A 193 9.99 0.93 -12.24
CA ASP A 193 10.20 -0.20 -13.18
C ASP A 193 8.83 -0.68 -13.62
N PHE A 194 7.95 -1.02 -12.67
CA PHE A 194 6.58 -1.52 -12.98
C PHE A 194 5.82 -0.50 -13.86
N PHE A 195 5.90 0.80 -13.57
CA PHE A 195 5.10 1.85 -14.25
C PHE A 195 5.52 1.90 -15.73
N TYR A 196 6.85 1.90 -15.97
CA TYR A 196 7.45 1.91 -17.33
C TYR A 196 6.89 0.72 -18.12
N LEU A 197 7.03 -0.47 -17.56
CA LEU A 197 6.61 -1.74 -18.17
C LEU A 197 5.08 -1.77 -18.34
N TYR A 198 4.31 -1.22 -17.41
CA TYR A 198 2.83 -1.13 -17.51
C TYR A 198 2.42 -0.29 -18.73
N VAL A 199 3.06 0.86 -18.94
CA VAL A 199 2.75 1.80 -20.06
C VAL A 199 3.20 1.18 -21.38
N THR A 200 4.45 0.69 -21.46
CA THR A 200 5.10 0.30 -22.74
C THR A 200 4.71 -1.13 -23.17
N LYS A 201 4.27 -1.98 -22.22
CA LYS A 201 3.98 -3.41 -22.48
C LYS A 201 2.48 -3.70 -22.26
N VAL A 202 1.98 -3.61 -21.02
CA VAL A 202 0.62 -4.08 -20.62
C VAL A 202 -0.46 -3.29 -21.35
N LEU A 203 -0.34 -1.96 -21.46
CA LEU A 203 -1.33 -1.12 -22.19
C LEU A 203 -1.15 -1.31 -23.71
N LYS A 204 -0.09 -2.01 -24.18
CA LYS A 204 0.13 -2.37 -25.62
C LYS A 204 -0.15 -3.88 -25.87
N GLY A 205 -0.88 -4.53 -24.96
CA GLY A 205 -1.28 -5.95 -25.06
C GLY A 205 -0.15 -6.93 -24.83
N LYS A 206 1.07 -6.46 -24.48
CA LYS A 206 2.21 -7.35 -24.11
C LYS A 206 2.14 -7.64 -22.61
N LYS A 207 2.94 -8.59 -22.12
CA LYS A 207 3.02 -8.89 -20.66
C LYS A 207 4.34 -8.31 -20.11
N LEU A 208 4.53 -8.40 -18.79
CA LEU A 208 5.32 -7.46 -17.98
C LEU A 208 6.38 -8.24 -17.18
N SER A 209 7.50 -8.62 -17.80
CA SER A 209 8.56 -9.41 -17.13
C SER A 209 9.59 -8.49 -16.46
N LEU A 210 9.82 -8.68 -15.15
CA LEU A 210 10.90 -8.04 -14.36
C LEU A 210 12.00 -9.07 -14.07
N PRO A 211 13.01 -9.26 -14.96
CA PRO A 211 14.19 -10.07 -14.61
C PRO A 211 14.93 -9.54 -13.37
N ALA A 212 15.91 -10.29 -12.86
CA ALA A 212 16.78 -9.91 -11.72
C ALA A 212 17.71 -11.08 -11.39
N GLU B 2 -3.60 17.16 14.52
CA GLU B 2 -4.70 16.35 13.91
C GLU B 2 -4.35 16.09 12.44
N ARG B 3 -4.43 14.83 12.03
CA ARG B 3 -4.12 14.41 10.64
C ARG B 3 -5.43 14.03 9.95
N ASP B 4 -5.71 14.73 8.85
CA ASP B 4 -6.95 14.62 8.06
C ASP B 4 -6.68 13.74 6.84
N GLU B 5 -5.51 13.10 6.79
CA GLU B 5 -5.11 12.24 5.64
C GLU B 5 -5.25 10.77 6.03
N LEU B 6 -5.35 9.93 5.00
CA LEU B 6 -5.42 8.45 5.11
C LEU B 6 -4.01 7.85 4.91
#